data_5JY5
#
_entry.id   5JY5
#
_cell.length_a   110.706
_cell.length_b   110.706
_cell.length_c   91.763
_cell.angle_alpha   90.00
_cell.angle_beta   90.00
_cell.angle_gamma   120.00
#
_symmetry.space_group_name_H-M   'P 64 2 2'
#
loop_
_entity.id
_entity.type
_entity.pdbx_description
1 polymer Thioredoxin
2 non-polymer GLYCEROL
3 non-polymer 'SULFATE ION'
4 non-polymer 2-AMINO-2-HYDROXYMETHYL-PROPANE-1,3-DIOL
5 water water
#
_entity_poly.entity_id   1
_entity_poly.type   'polypeptide(L)'
_entity_poly.pdbx_seq_one_letter_code
;MVKAIESYDEWKTLTSGSDVVVVDYWATWCGPCKMISPHFAKLEGKFPNVKFAKVDVEEQEDIAKEAQIKAMPTFVAYKD
GKVIETVTGAVPAKINALLDKVAAHHHHHH
;
_entity_poly.pdbx_strand_id   A,B
#
loop_
_chem_comp.id
_chem_comp.type
_chem_comp.name
_chem_comp.formula
GOL non-polymer GLYCEROL 'C3 H8 O3'
SO4 non-polymer 'SULFATE ION' 'O4 S -2'
TRS non-polymer 2-AMINO-2-HYDROXYMETHYL-PROPANE-1,3-DIOL 'C4 H12 N O3 1'
#
# COMPACT_ATOMS: atom_id res chain seq x y z
N VAL A 2 6.92 18.09 -10.24
CA VAL A 2 5.95 16.92 -10.26
C VAL A 2 4.64 17.45 -9.69
N LYS A 3 3.57 17.43 -10.48
CA LYS A 3 2.30 18.04 -10.07
C LYS A 3 1.65 17.26 -8.96
N ALA A 4 1.39 17.90 -7.81
CA ALA A 4 0.55 17.29 -6.77
C ALA A 4 -0.89 17.44 -7.20
N ILE A 5 -1.51 16.31 -7.44
CA ILE A 5 -2.89 16.27 -7.86
CA ILE A 5 -2.90 16.29 -7.87
C ILE A 5 -3.82 16.47 -6.68
N GLU A 6 -4.67 17.51 -6.75
CA GLU A 6 -5.39 17.94 -5.54
C GLU A 6 -6.89 17.66 -5.55
N SER A 7 -7.42 17.06 -6.58
CA SER A 7 -8.85 16.68 -6.60
C SER A 7 -9.06 15.53 -7.58
N TYR A 8 -10.16 14.82 -7.35
CA TYR A 8 -10.57 13.78 -8.31
C TYR A 8 -10.73 14.34 -9.72
N ASP A 9 -11.41 15.49 -9.83
CA ASP A 9 -11.61 16.04 -11.13
C ASP A 9 -10.33 16.40 -11.86
N GLU A 10 -9.36 16.98 -11.15
CA GLU A 10 -8.07 17.23 -11.71
C GLU A 10 -7.44 15.96 -12.20
N TRP A 11 -7.51 14.95 -11.35
CA TRP A 11 -6.93 13.63 -11.72
C TRP A 11 -7.57 13.04 -12.99
N LYS A 12 -8.87 13.08 -13.03
CA LYS A 12 -9.59 12.57 -14.22
C LYS A 12 -9.25 13.37 -15.45
N THR A 13 -9.16 14.69 -15.36
CA THR A 13 -8.75 15.52 -16.52
C THR A 13 -7.38 15.13 -17.04
N LEU A 14 -6.44 14.99 -16.13
CA LEU A 14 -5.08 14.67 -16.51
C LEU A 14 -4.94 13.28 -17.09
N THR A 15 -5.53 12.29 -16.48
CA THR A 15 -5.33 10.90 -16.91
C THR A 15 -6.15 10.62 -18.19
N SER A 16 -7.12 11.45 -18.45
CA SER A 16 -7.98 11.29 -19.66
CA SER A 16 -7.96 11.27 -19.67
C SER A 16 -7.28 11.90 -20.91
N GLY A 17 -6.24 12.69 -20.71
CA GLY A 17 -5.54 13.31 -21.81
C GLY A 17 -4.85 12.38 -22.75
N SER A 18 -4.65 12.83 -24.01
CA SER A 18 -3.86 12.06 -24.95
C SER A 18 -2.35 12.04 -24.64
N ASP A 19 -1.84 13.00 -23.88
CA ASP A 19 -0.46 13.02 -23.54
C ASP A 19 -0.21 11.98 -22.41
N VAL A 20 0.93 11.32 -22.45
CA VAL A 20 1.25 10.31 -21.46
CA VAL A 20 1.24 10.31 -21.46
C VAL A 20 1.52 10.99 -20.10
N VAL A 21 1.06 10.36 -19.02
CA VAL A 21 1.20 10.87 -17.64
CA VAL A 21 1.26 10.88 -17.68
C VAL A 21 1.69 9.71 -16.78
N VAL A 22 2.65 9.97 -15.89
CA VAL A 22 3.05 9.00 -14.93
C VAL A 22 2.75 9.59 -13.52
N VAL A 23 2.00 8.82 -12.71
CA VAL A 23 1.57 9.22 -11.38
C VAL A 23 2.28 8.39 -10.31
N ASP A 24 2.86 9.07 -9.31
CA ASP A 24 3.43 8.42 -8.15
C ASP A 24 2.37 8.44 -7.03
N TYR A 25 1.87 7.27 -6.67
CA TYR A 25 0.94 7.15 -5.57
C TYR A 25 1.76 6.90 -4.31
N TRP A 26 1.61 7.79 -3.33
CA TRP A 26 2.43 7.79 -2.19
C TRP A 26 1.61 8.15 -0.92
N ALA A 27 2.25 8.05 0.23
CA ALA A 27 1.59 8.39 1.48
C ALA A 27 2.64 8.60 2.56
N THR A 28 2.24 9.25 3.64
CA THR A 28 3.14 9.43 4.79
CA THR A 28 3.19 9.42 4.76
C THR A 28 3.45 8.11 5.50
N TRP A 29 2.59 7.09 5.33
CA TRP A 29 2.85 5.77 5.94
C TRP A 29 3.84 4.95 5.16
N CYS A 30 4.25 5.45 3.99
CA CYS A 30 5.15 4.76 3.11
C CYS A 30 6.57 4.83 3.56
N GLY A 31 7.27 3.72 3.49
CA GLY A 31 8.68 3.66 3.83
C GLY A 31 9.55 4.44 2.86
N PRO A 32 9.66 3.94 1.65
CA PRO A 32 10.68 4.50 0.73
C PRO A 32 10.24 5.65 -0.15
N CYS A 33 9.00 6.13 -0.01
CA CYS A 33 8.48 7.19 -0.86
C CYS A 33 9.30 8.44 -0.84
N LYS A 34 9.69 8.89 0.35
CA LYS A 34 10.55 10.08 0.46
C LYS A 34 11.93 9.91 -0.15
N MET A 35 12.50 8.70 -0.16
CA MET A 35 13.81 8.42 -0.64
CA MET A 35 13.82 8.54 -0.69
C MET A 35 13.81 8.36 -2.19
N ILE A 36 12.69 7.86 -2.77
CA ILE A 36 12.64 7.70 -4.21
C ILE A 36 12.09 8.95 -4.92
N SER A 37 11.39 9.82 -4.20
CA SER A 37 10.72 11.01 -4.78
CA SER A 37 10.71 10.91 -4.90
C SER A 37 11.69 11.90 -5.59
N PRO A 38 12.92 12.14 -5.05
CA PRO A 38 13.84 12.98 -5.84
C PRO A 38 14.27 12.40 -7.13
N HIS A 39 14.37 11.07 -7.23
CA HIS A 39 14.66 10.40 -8.47
C HIS A 39 13.55 10.59 -9.50
N PHE A 40 12.32 10.55 -9.02
CA PHE A 40 11.17 10.85 -9.87
C PHE A 40 11.20 12.29 -10.43
N ALA A 41 11.58 13.24 -9.57
CA ALA A 41 11.78 14.60 -9.99
C ALA A 41 12.91 14.76 -10.98
N LYS A 42 14.00 14.03 -10.78
CA LYS A 42 15.08 14.00 -11.84
C LYS A 42 14.61 13.48 -13.18
N LEU A 43 13.80 12.42 -13.18
CA LEU A 43 13.20 11.90 -14.40
C LEU A 43 12.31 12.93 -15.07
N GLU A 44 11.62 13.75 -14.28
CA GLU A 44 10.75 14.78 -14.84
C GLU A 44 11.57 15.79 -15.65
N GLY A 45 12.78 16.10 -15.17
CA GLY A 45 13.71 16.99 -15.93
C GLY A 45 14.25 16.33 -17.15
N LYS A 46 14.53 15.05 -17.07
CA LYS A 46 15.07 14.28 -18.20
C LYS A 46 14.03 14.09 -19.34
N PHE A 47 12.74 14.00 -18.99
CA PHE A 47 11.66 13.64 -19.91
C PHE A 47 10.62 14.77 -19.93
N PRO A 48 10.93 15.89 -20.58
CA PRO A 48 10.02 17.03 -20.50
C PRO A 48 8.74 16.85 -21.26
N ASN A 49 8.66 15.86 -22.15
CA ASN A 49 7.43 15.63 -22.91
C ASN A 49 6.54 14.55 -22.28
N VAL A 50 6.92 14.08 -21.10
CA VAL A 50 6.04 13.23 -20.32
C VAL A 50 5.57 14.10 -19.14
N LYS A 51 4.31 13.96 -18.80
CA LYS A 51 3.75 14.64 -17.63
C LYS A 51 3.95 13.80 -16.39
N PHE A 52 4.49 14.39 -15.33
CA PHE A 52 4.76 13.73 -14.08
C PHE A 52 3.82 14.31 -12.99
N ALA A 53 3.26 13.43 -12.19
CA ALA A 53 2.27 13.81 -11.18
C ALA A 53 2.36 12.91 -10.04
N LYS A 54 1.80 13.37 -8.88
CA LYS A 54 1.79 12.57 -7.68
C LYS A 54 0.45 12.69 -6.95
N VAL A 55 0.08 11.62 -6.25
CA VAL A 55 -1.18 11.58 -5.47
C VAL A 55 -0.88 11.04 -4.08
N ASP A 56 -1.20 11.85 -3.07
CA ASP A 56 -1.12 11.48 -1.70
C ASP A 56 -2.41 10.76 -1.34
N VAL A 57 -2.35 9.43 -1.32
CA VAL A 57 -3.55 8.63 -1.14
C VAL A 57 -4.27 8.90 0.17
N GLU A 58 -3.53 9.38 1.16
CA GLU A 58 -4.19 9.71 2.48
C GLU A 58 -5.00 10.98 2.41
N GLU A 59 -4.76 11.84 1.44
CA GLU A 59 -5.49 13.06 1.21
C GLU A 59 -6.47 13.02 0.08
N GLN A 60 -6.46 11.96 -0.71
CA GLN A 60 -7.22 11.91 -1.97
C GLN A 60 -7.99 10.56 -2.00
N GLU A 61 -8.96 10.44 -1.12
CA GLU A 61 -9.67 9.16 -0.96
C GLU A 61 -10.36 8.71 -2.23
N ASP A 62 -11.03 9.61 -2.95
CA ASP A 62 -11.74 9.20 -4.16
C ASP A 62 -10.81 8.74 -5.27
N ILE A 63 -9.64 9.38 -5.40
CA ILE A 63 -8.65 8.93 -6.33
C ILE A 63 -8.14 7.56 -5.88
N ALA A 64 -7.86 7.46 -4.58
CA ALA A 64 -7.28 6.20 -4.12
C ALA A 64 -8.22 5.01 -4.36
N LYS A 65 -9.50 5.22 -4.11
CA LYS A 65 -10.50 4.16 -4.33
C LYS A 65 -10.50 3.73 -5.76
N GLU A 66 -10.40 4.67 -6.69
CA GLU A 66 -10.42 4.25 -8.12
C GLU A 66 -9.09 3.65 -8.56
N ALA A 67 -7.95 4.18 -8.11
CA ALA A 67 -6.70 3.63 -8.52
C ALA A 67 -6.47 2.27 -7.98
N GLN A 68 -6.94 2.06 -6.76
CA GLN A 68 -6.88 0.77 -6.17
C GLN A 68 -5.54 0.12 -6.15
N ILE A 69 -4.59 0.85 -5.63
CA ILE A 69 -3.22 0.33 -5.60
C ILE A 69 -3.10 -0.80 -4.56
N LYS A 70 -2.14 -1.66 -4.82
CA LYS A 70 -1.85 -2.81 -4.00
C LYS A 70 -0.52 -2.75 -3.29
N ALA A 71 0.32 -1.78 -3.64
CA ALA A 71 1.66 -1.64 -3.16
C ALA A 71 1.89 -0.18 -2.91
N MET A 72 2.70 0.12 -1.89
CA MET A 72 3.04 1.51 -1.53
CA MET A 72 3.03 1.50 -1.52
C MET A 72 4.54 1.64 -1.60
N PRO A 73 5.09 2.43 -2.56
CA PRO A 73 4.39 3.20 -3.56
C PRO A 73 4.02 2.32 -4.77
N THR A 74 3.20 2.90 -5.61
CA THR A 74 2.95 2.45 -6.99
C THR A 74 3.06 3.59 -7.95
N PHE A 75 3.69 3.36 -9.12
CA PHE A 75 3.80 4.31 -10.18
C PHE A 75 2.91 3.81 -11.30
N VAL A 76 2.02 4.67 -11.78
CA VAL A 76 1.10 4.21 -12.86
C VAL A 76 1.23 5.14 -14.03
N ALA A 77 1.38 4.60 -15.24
CA ALA A 77 1.35 5.39 -16.42
C ALA A 77 0.02 5.34 -17.10
N TYR A 78 -0.45 6.49 -17.62
CA TYR A 78 -1.73 6.62 -18.27
C TYR A 78 -1.57 7.18 -19.66
N LYS A 79 -2.49 6.80 -20.54
CA LYS A 79 -2.66 7.52 -21.83
C LYS A 79 -4.09 7.34 -22.29
N ASP A 80 -4.70 8.45 -22.58
CA ASP A 80 -6.07 8.44 -23.13
C ASP A 80 -7.05 7.76 -22.23
N GLY A 81 -6.97 7.97 -20.90
CA GLY A 81 -7.90 7.42 -20.03
C GLY A 81 -7.72 5.96 -19.71
N LYS A 82 -6.58 5.41 -20.03
CA LYS A 82 -6.25 4.02 -19.80
C LYS A 82 -4.96 3.89 -18.96
N VAL A 83 -4.97 2.98 -17.97
CA VAL A 83 -3.70 2.55 -17.36
C VAL A 83 -2.91 1.69 -18.31
N ILE A 84 -1.79 2.20 -18.79
CA ILE A 84 -0.96 1.53 -19.75
C ILE A 84 0.13 0.67 -19.12
N GLU A 85 0.61 0.98 -17.87
CA GLU A 85 1.55 0.10 -17.19
C GLU A 85 1.56 0.50 -15.69
N THR A 86 1.77 -0.47 -14.84
CA THR A 86 1.83 -0.22 -13.34
C THR A 86 3.19 -0.75 -12.89
N VAL A 87 3.92 0.00 -12.07
CA VAL A 87 5.19 -0.43 -11.49
C VAL A 87 5.05 -0.30 -9.97
N THR A 88 5.27 -1.37 -9.25
CA THR A 88 5.14 -1.30 -7.77
C THR A 88 6.50 -1.13 -7.17
N GLY A 89 6.53 -0.56 -5.98
CA GLY A 89 7.77 -0.41 -5.28
C GLY A 89 8.64 0.75 -5.72
N ALA A 90 9.82 0.82 -5.15
CA ALA A 90 10.70 2.02 -5.29
C ALA A 90 12.07 1.63 -5.81
N VAL A 91 12.12 0.82 -6.84
CA VAL A 91 13.37 0.37 -7.35
C VAL A 91 13.75 1.31 -8.55
N PRO A 92 14.88 2.06 -8.46
CA PRO A 92 15.21 3.03 -9.48
C PRO A 92 15.18 2.47 -10.90
N ALA A 93 15.80 1.32 -11.10
CA ALA A 93 15.86 0.73 -12.44
C ALA A 93 14.45 0.46 -13.01
N LYS A 94 13.52 0.04 -12.15
CA LYS A 94 12.16 -0.26 -12.64
C LYS A 94 11.43 0.98 -13.08
N ILE A 95 11.59 2.06 -12.31
CA ILE A 95 11.01 3.32 -12.66
C ILE A 95 11.70 3.94 -13.89
N ASN A 96 13.03 3.78 -13.98
CA ASN A 96 13.72 4.28 -15.16
C ASN A 96 13.20 3.55 -16.42
N ALA A 97 13.06 2.25 -16.32
CA ALA A 97 12.60 1.44 -17.50
C ALA A 97 11.18 1.82 -17.91
N LEU A 98 10.29 2.09 -16.96
CA LEU A 98 8.95 2.56 -17.24
C LEU A 98 9.02 3.86 -18.00
N LEU A 99 9.86 4.83 -17.53
CA LEU A 99 9.94 6.11 -18.23
C LEU A 99 10.53 5.99 -19.65
N ASP A 100 11.50 5.11 -19.81
CA ASP A 100 12.05 4.92 -21.13
C ASP A 100 10.95 4.55 -22.09
N LYS A 101 10.14 3.61 -21.68
CA LYS A 101 9.10 3.13 -22.55
C LYS A 101 7.92 4.05 -22.76
N VAL A 102 7.55 4.80 -21.71
CA VAL A 102 6.53 5.83 -21.83
C VAL A 102 6.99 6.99 -22.73
N ALA A 103 8.24 7.39 -22.59
CA ALA A 103 8.71 8.57 -23.29
C ALA A 103 8.76 8.25 -24.78
N ALA A 104 9.00 6.98 -25.11
CA ALA A 104 9.03 6.56 -26.49
C ALA A 104 7.65 6.65 -27.11
N HIS A 105 6.69 6.16 -26.36
CA HIS A 105 5.27 6.31 -26.66
C HIS A 105 4.85 7.74 -26.88
N HIS A 106 5.36 8.70 -26.10
CA HIS A 106 4.90 10.03 -26.27
C HIS A 106 5.28 10.65 -27.62
N VAL B 2 -11.81 -8.43 16.64
CA VAL B 2 -10.45 -8.02 16.13
C VAL B 2 -10.26 -6.62 16.70
N LYS B 3 -9.19 -6.48 17.47
CA LYS B 3 -8.90 -5.27 18.15
C LYS B 3 -8.28 -4.26 17.19
N ALA B 4 -8.88 -3.08 17.08
CA ALA B 4 -8.18 -1.95 16.42
C ALA B 4 -7.12 -1.38 17.29
N ILE B 5 -5.90 -1.42 16.82
CA ILE B 5 -4.73 -0.92 17.58
C ILE B 5 -4.58 0.58 17.32
N GLU B 6 -4.66 1.38 18.38
CA GLU B 6 -4.70 2.81 18.23
C GLU B 6 -3.55 3.61 18.81
N SER B 7 -2.48 2.95 19.25
CA SER B 7 -1.30 3.66 19.74
C SER B 7 -0.07 2.73 19.58
N TYR B 8 1.07 3.37 19.52
CA TYR B 8 2.34 2.59 19.52
C TYR B 8 2.47 1.81 20.80
N ASP B 9 2.11 2.38 21.93
CA ASP B 9 2.30 1.63 23.17
C ASP B 9 1.47 0.33 23.16
N GLU B 10 0.22 0.42 22.69
CA GLU B 10 -0.57 -0.74 22.56
C GLU B 10 0.05 -1.77 21.59
N TRP B 11 0.42 -1.30 20.41
CA TRP B 11 1.00 -2.14 19.41
C TRP B 11 2.26 -2.86 19.92
N LYS B 12 3.11 -2.13 20.61
CA LYS B 12 4.38 -2.71 21.04
C LYS B 12 4.12 -3.70 22.17
N THR B 13 3.22 -3.38 23.06
CA THR B 13 2.90 -4.27 24.17
C THR B 13 2.35 -5.55 23.61
N LEU B 14 1.41 -5.47 22.65
CA LEU B 14 0.85 -6.68 22.04
C LEU B 14 1.86 -7.51 21.30
N THR B 15 2.68 -6.91 20.48
CA THR B 15 3.57 -7.61 19.56
C THR B 15 4.85 -8.10 20.32
N SER B 16 5.07 -7.62 21.53
CA SER B 16 6.12 -8.08 22.48
C SER B 16 5.73 -9.27 23.35
N GLY B 17 4.45 -9.58 23.46
CA GLY B 17 4.03 -10.68 24.31
C GLY B 17 4.46 -12.06 23.81
N SER B 18 4.35 -13.02 24.73
CA SER B 18 4.64 -14.41 24.39
C SER B 18 3.49 -15.06 23.60
N ASP B 19 2.28 -14.50 23.65
CA ASP B 19 1.20 -15.01 22.88
C ASP B 19 1.33 -14.60 21.41
N VAL B 20 1.02 -15.51 20.51
CA VAL B 20 1.06 -15.18 19.08
C VAL B 20 -0.04 -14.14 18.78
N VAL B 21 0.31 -13.17 17.93
CA VAL B 21 -0.62 -12.11 17.57
C VAL B 21 -0.52 -12.01 16.04
N VAL B 22 -1.68 -11.83 15.39
CA VAL B 22 -1.66 -11.59 13.95
C VAL B 22 -2.40 -10.25 13.73
N VAL B 23 -1.72 -9.34 13.04
CA VAL B 23 -2.13 -7.97 12.75
C VAL B 23 -2.42 -7.78 11.27
N ASP B 24 -3.62 -7.27 10.99
CA ASP B 24 -4.07 -6.94 9.62
C ASP B 24 -3.82 -5.45 9.47
N TYR B 25 -2.91 -5.10 8.57
CA TYR B 25 -2.57 -3.67 8.23
C TYR B 25 -3.37 -3.32 6.98
N TRP B 26 -4.25 -2.34 7.09
CA TRP B 26 -5.26 -2.06 6.05
C TRP B 26 -5.46 -0.56 5.87
N ALA B 27 -6.23 -0.20 4.85
CA ALA B 27 -6.60 1.15 4.58
C ALA B 27 -8.03 1.27 4.12
N THR B 28 -8.68 2.42 4.39
CA THR B 28 -10.11 2.60 4.08
C THR B 28 -10.39 2.50 2.61
N TRP B 29 -9.44 2.95 1.79
CA TRP B 29 -9.68 2.92 0.34
C TRP B 29 -9.43 1.58 -0.31
N CYS B 30 -8.96 0.59 0.44
CA CYS B 30 -8.53 -0.70 -0.11
C CYS B 30 -9.74 -1.65 -0.17
N GLY B 31 -10.12 -2.03 -1.37
CA GLY B 31 -11.25 -2.92 -1.48
C GLY B 31 -11.09 -4.32 -1.01
N PRO B 32 -10.01 -5.00 -1.41
CA PRO B 32 -9.80 -6.32 -0.87
C PRO B 32 -9.68 -6.39 0.66
N CYS B 33 -9.20 -5.31 1.31
CA CYS B 33 -9.25 -5.25 2.79
C CYS B 33 -10.65 -5.45 3.29
N LYS B 34 -11.62 -4.79 2.66
CA LYS B 34 -13.02 -4.91 3.08
C LYS B 34 -13.47 -6.37 2.87
N MET B 35 -13.11 -6.99 1.75
CA MET B 35 -13.55 -8.36 1.47
CA MET B 35 -13.49 -8.35 1.43
C MET B 35 -12.98 -9.36 2.48
N ILE B 36 -11.73 -9.22 2.89
CA ILE B 36 -11.16 -10.19 3.79
C ILE B 36 -11.51 -9.96 5.26
N SER B 37 -11.92 -8.74 5.58
CA SER B 37 -12.19 -8.33 7.00
C SER B 37 -13.15 -9.32 7.73
N PRO B 38 -14.36 -9.63 7.14
CA PRO B 38 -15.22 -10.57 7.90
C PRO B 38 -14.60 -11.98 8.01
N HIS B 39 -13.79 -12.38 7.08
CA HIS B 39 -13.08 -13.64 7.17
C HIS B 39 -12.05 -13.66 8.27
N PHE B 40 -11.28 -12.58 8.46
CA PHE B 40 -10.31 -12.52 9.54
C PHE B 40 -11.05 -12.58 10.87
N ALA B 41 -12.20 -11.93 10.92
CA ALA B 41 -13.03 -11.98 12.14
C ALA B 41 -13.56 -13.36 12.39
N LYS B 42 -13.89 -14.10 11.35
CA LYS B 42 -14.31 -15.50 11.48
CA LYS B 42 -14.31 -15.50 11.52
C LYS B 42 -13.15 -16.37 12.00
N LEU B 43 -11.96 -16.19 11.43
CA LEU B 43 -10.79 -16.85 11.97
C LEU B 43 -10.52 -16.55 13.42
N GLU B 44 -10.85 -15.32 13.88
CA GLU B 44 -10.63 -14.95 15.28
C GLU B 44 -11.41 -15.93 16.17
N GLY B 45 -12.64 -16.25 15.78
CA GLY B 45 -13.49 -17.23 16.56
C GLY B 45 -12.91 -18.65 16.54
N LYS B 46 -12.38 -19.00 15.41
CA LYS B 46 -11.79 -20.31 15.10
C LYS B 46 -10.49 -20.58 15.86
N PHE B 47 -9.73 -19.55 16.22
CA PHE B 47 -8.41 -19.68 16.84
C PHE B 47 -8.40 -18.82 18.08
N PRO B 48 -9.09 -19.27 19.13
CA PRO B 48 -9.31 -18.40 20.29
C PRO B 48 -8.04 -18.13 21.15
N ASN B 49 -6.94 -18.85 20.93
CA ASN B 49 -5.71 -18.58 21.68
C ASN B 49 -4.64 -17.81 20.88
N VAL B 50 -4.97 -17.47 19.65
CA VAL B 50 -4.22 -16.44 18.89
C VAL B 50 -4.90 -15.07 19.09
N LYS B 51 -4.13 -13.99 19.23
CA LYS B 51 -4.70 -12.66 19.38
C LYS B 51 -4.79 -12.01 17.97
N PHE B 52 -5.97 -11.54 17.59
CA PHE B 52 -6.22 -10.91 16.31
C PHE B 52 -6.35 -9.38 16.48
N ALA B 53 -5.68 -8.62 15.60
CA ALA B 53 -5.70 -7.17 15.72
C ALA B 53 -5.56 -6.55 14.34
N LYS B 54 -5.88 -5.27 14.26
CA LYS B 54 -5.84 -4.55 13.00
C LYS B 54 -5.31 -3.20 13.19
N VAL B 55 -4.63 -2.72 12.14
CA VAL B 55 -4.04 -1.39 12.17
C VAL B 55 -4.40 -0.62 10.89
N ASP B 56 -5.08 0.53 11.04
CA ASP B 56 -5.36 1.45 9.92
C ASP B 56 -4.11 2.25 9.69
N VAL B 57 -3.43 1.93 8.58
CA VAL B 57 -2.11 2.54 8.34
C VAL B 57 -2.16 4.03 8.13
N GLU B 58 -3.30 4.57 7.75
CA GLU B 58 -3.45 5.99 7.53
C GLU B 58 -3.74 6.80 8.80
N GLU B 59 -4.17 6.09 9.82
CA GLU B 59 -4.23 6.69 11.15
C GLU B 59 -2.99 6.40 11.99
N GLN B 60 -2.27 5.33 11.70
CA GLN B 60 -1.15 4.81 12.47
C GLN B 60 0.06 4.77 11.57
N GLU B 61 0.44 5.91 10.98
CA GLU B 61 1.49 5.91 9.98
C GLU B 61 2.81 5.47 10.54
N ASP B 62 3.09 5.86 11.78
CA ASP B 62 4.36 5.45 12.39
C ASP B 62 4.49 4.00 12.71
N ILE B 63 3.39 3.37 13.16
CA ILE B 63 3.34 1.93 13.26
C ILE B 63 3.53 1.23 11.95
N ALA B 64 2.83 1.76 10.92
CA ALA B 64 2.97 1.20 9.58
C ALA B 64 4.42 1.17 9.07
N LYS B 65 5.08 2.27 9.27
CA LYS B 65 6.52 2.28 8.94
C LYS B 65 7.40 1.37 9.73
N GLU B 66 7.17 1.28 11.02
CA GLU B 66 7.90 0.34 11.80
C GLU B 66 7.67 -1.10 11.39
N ALA B 67 6.46 -1.45 10.90
CA ALA B 67 6.11 -2.75 10.50
C ALA B 67 6.51 -3.03 9.03
N GLN B 68 7.04 -1.98 8.38
CA GLN B 68 7.51 -2.00 7.01
C GLN B 68 6.41 -2.42 6.05
N ILE B 69 5.24 -1.80 6.15
CA ILE B 69 4.13 -2.20 5.35
C ILE B 69 4.30 -1.64 3.90
N LYS B 70 4.31 -2.59 2.98
CA LYS B 70 4.50 -2.24 1.56
C LYS B 70 3.29 -2.67 0.79
N ALA B 71 2.64 -3.77 1.14
CA ALA B 71 1.52 -4.28 0.36
C ALA B 71 0.26 -3.94 1.11
N MET B 72 -0.80 -3.70 0.38
CA MET B 72 -2.07 -3.44 0.97
CA MET B 72 -2.13 -3.44 1.00
C MET B 72 -3.10 -4.50 0.61
N PRO B 73 -3.66 -5.27 1.57
CA PRO B 73 -3.25 -5.34 2.99
C PRO B 73 -1.99 -6.19 3.19
N THR B 74 -1.47 -6.19 4.41
CA THR B 74 -0.44 -7.10 4.82
C THR B 74 -0.87 -7.68 6.16
N PHE B 75 -0.65 -8.97 6.34
CA PHE B 75 -0.93 -9.68 7.61
C PHE B 75 0.43 -10.07 8.18
N VAL B 76 0.70 -9.68 9.44
CA VAL B 76 1.99 -10.04 10.07
C VAL B 76 1.69 -10.76 11.35
N ALA B 77 2.37 -11.87 11.55
CA ALA B 77 2.26 -12.65 12.82
C ALA B 77 3.50 -12.40 13.64
N TYR B 78 3.27 -12.31 14.96
CA TYR B 78 4.30 -12.00 15.91
C TYR B 78 4.29 -13.04 17.02
N LYS B 79 5.46 -13.30 17.58
CA LYS B 79 5.55 -14.04 18.89
C LYS B 79 6.84 -13.61 19.55
N ASP B 80 6.75 -13.28 20.83
CA ASP B 80 7.90 -12.88 21.65
C ASP B 80 8.70 -11.75 21.03
N GLY B 81 7.98 -10.74 20.56
CA GLY B 81 8.61 -9.60 19.94
C GLY B 81 9.30 -9.82 18.59
N LYS B 82 9.10 -10.94 17.95
CA LYS B 82 9.69 -11.20 16.63
C LYS B 82 8.59 -11.40 15.60
N VAL B 83 8.88 -11.00 14.40
CA VAL B 83 8.02 -11.35 13.26
C VAL B 83 8.18 -12.80 12.98
N ILE B 84 7.10 -13.57 13.00
CA ILE B 84 7.19 -15.00 12.63
C ILE B 84 6.77 -15.33 11.23
N GLU B 85 5.90 -14.52 10.60
CA GLU B 85 5.56 -14.72 9.16
C GLU B 85 4.76 -13.50 8.71
N THR B 86 4.82 -13.26 7.42
CA THR B 86 4.16 -12.18 6.75
C THR B 86 3.44 -12.72 5.53
N VAL B 87 2.20 -12.28 5.35
CA VAL B 87 1.42 -12.57 4.16
C VAL B 87 0.97 -11.26 3.56
N THR B 88 1.22 -11.07 2.29
CA THR B 88 0.70 -9.93 1.56
C THR B 88 -0.54 -10.29 0.79
N GLY B 89 -1.46 -9.34 0.65
CA GLY B 89 -2.67 -9.56 -0.08
C GLY B 89 -3.78 -10.14 0.75
N ALA B 90 -4.91 -10.34 0.07
CA ALA B 90 -6.15 -10.71 0.73
C ALA B 90 -6.71 -12.04 0.27
N VAL B 91 -5.84 -12.92 -0.19
CA VAL B 91 -6.32 -14.27 -0.63
C VAL B 91 -6.65 -15.16 0.57
N PRO B 92 -7.92 -15.62 0.70
CA PRO B 92 -8.20 -16.25 2.02
C PRO B 92 -7.43 -17.53 2.31
N ALA B 93 -7.10 -18.29 1.28
CA ALA B 93 -6.28 -19.50 1.51
C ALA B 93 -4.91 -19.19 2.12
N LYS B 94 -4.34 -18.06 1.77
CA LYS B 94 -3.03 -17.67 2.30
C LYS B 94 -3.11 -17.22 3.74
N ILE B 95 -4.13 -16.43 4.08
CA ILE B 95 -4.34 -16.05 5.47
CA ILE B 95 -4.26 -16.08 5.53
C ILE B 95 -4.69 -17.29 6.35
N ASN B 96 -5.52 -18.19 5.78
CA ASN B 96 -5.89 -19.45 6.51
C ASN B 96 -4.66 -20.24 6.81
N ALA B 97 -3.77 -20.31 5.83
CA ALA B 97 -2.53 -21.12 6.03
C ALA B 97 -1.62 -20.53 7.07
N LEU B 98 -1.56 -19.19 7.08
CA LEU B 98 -0.78 -18.49 8.11
C LEU B 98 -1.28 -18.79 9.47
N LEU B 99 -2.59 -18.76 9.67
CA LEU B 99 -3.12 -19.00 10.98
C LEU B 99 -2.91 -20.48 11.38
N ASP B 100 -3.06 -21.38 10.42
CA ASP B 100 -2.80 -22.83 10.74
C ASP B 100 -1.37 -22.97 11.25
N LYS B 101 -0.42 -22.40 10.51
CA LYS B 101 0.97 -22.40 10.94
C LYS B 101 1.23 -21.82 12.32
N VAL B 102 0.74 -20.60 12.56
CA VAL B 102 1.11 -19.92 13.81
C VAL B 102 0.27 -20.36 14.97
N ALA B 103 -0.94 -20.90 14.75
CA ALA B 103 -1.72 -21.35 15.94
C ALA B 103 -1.04 -22.61 16.55
N ALA B 104 -0.36 -23.36 15.68
CA ALA B 104 0.52 -24.48 16.07
C ALA B 104 1.67 -24.06 17.04
N HIS B 105 2.26 -22.87 16.85
CA HIS B 105 3.25 -22.29 17.78
C HIS B 105 2.65 -21.94 19.10
N HIS B 106 1.37 -21.56 19.11
CA HIS B 106 0.77 -21.22 20.38
C HIS B 106 0.60 -22.48 21.24
C1 GOL C . 7.99 22.20 -11.62
O1 GOL C . 8.33 20.83 -11.84
C2 GOL C . 6.73 22.00 -10.82
O2 GOL C . 6.27 23.15 -10.10
C3 GOL C . 5.73 21.50 -11.81
O3 GOL C . 5.37 20.27 -11.20
C1 GOL D . 5.97 14.10 -1.52
O1 GOL D . 5.22 15.17 -2.08
C2 GOL D . 6.14 12.97 -2.52
O2 GOL D . 6.99 13.35 -3.63
C3 GOL D . 6.79 11.84 -1.76
O3 GOL D . 6.38 10.66 -2.38
S SO4 E . 20.06 6.99 -12.68
O1 SO4 E . 20.64 6.36 -13.89
O2 SO4 E . 19.51 8.32 -13.03
O3 SO4 E . 21.09 7.41 -11.69
O4 SO4 E . 19.09 5.99 -12.02
C1 GOL F . 8.91 -13.21 7.42
O1 GOL F . 8.04 -12.09 7.45
C2 GOL F . 9.09 -13.66 5.98
O2 GOL F . 9.51 -12.56 5.16
C3 GOL F . 7.80 -14.16 5.36
O3 GOL F . 7.03 -15.01 6.19
C TRS G . 12.74 -3.88 20.86
C1 TRS G . 12.21 -2.45 20.90
C2 TRS G . 13.82 -4.20 21.87
C3 TRS G . 13.28 -4.13 19.45
N TRS G . 11.72 -4.89 21.23
O1 TRS G . 12.67 -1.55 19.80
O2 TRS G . 13.36 -4.56 23.18
O3 TRS G . 12.90 -3.05 18.60
S SO4 H . -20.90 -1.65 5.98
O1 SO4 H . -19.69 -0.94 5.48
O2 SO4 H . -22.01 -1.56 4.99
O3 SO4 H . -20.50 -3.01 6.25
O4 SO4 H . -21.32 -0.98 7.22
S SO4 I . -15.88 -17.95 6.50
O1 SO4 I . -15.12 -19.00 5.78
O2 SO4 I . -15.29 -16.59 6.29
O3 SO4 I . -15.92 -18.27 7.95
O4 SO4 I . -17.27 -17.92 6.00
#